data_7AV5
#
_entry.id   7AV5
#
_cell.length_a   48.278
_cell.length_b   80.562
_cell.length_c   145.788
_cell.angle_alpha   90.000
_cell.angle_beta   90.000
_cell.angle_gamma   90.000
#
_symmetry.space_group_name_H-M   'P 21 21 21'
#
loop_
_entity.id
_entity.type
_entity.pdbx_description
1 polymer EstD11
2 non-polymer 'FORMIC ACID'
3 non-polymer FLUORESCIN
4 non-polymer 'ACETATE ION'
5 water water
#
_entity_poly.entity_id   1
_entity_poly.type   'polypeptide(L)'
_entity_poly.pdbx_seq_one_letter_code
;MASEALTMIVNLLRSQRPLQEPTVEQMRAGLEAMAQMSPLPADVELTTVDAGGVPGAWVRVPESDPDRVVLYLHGGGYVI
GSIRTHRDLAQRIARAARCRVLLIDYRLAPEHPHPAAVEDSTRAYRWLLETGSDPKRMAIAGDSAGGGLTVATLVALRDA
GVPLPAAAVCLSPWVDLEGIGESMTTKAAVDPMVQREPLLRMASMYLAGQDPRTPLAAPLYADLRGLPPLLIQVGTAETL
LDDSVRLAERARAAGVQVTLEPWEDMIHVWQAFAAMLPEGQQAIERIGEFLRQHWQ
;
_entity_poly.pdbx_strand_id   AAA,BBB
#
loop_
_chem_comp.id
_chem_comp.type
_chem_comp.name
_chem_comp.formula
ACT non-polymer 'ACETATE ION' 'C2 H3 O2 -1'
FDS non-polymer FLUORESCIN 'C20 H14 O5'
FMT non-polymer 'FORMIC ACID' 'C H2 O2'
#
# COMPACT_ATOMS: atom_id res chain seq x y z
N ALA A 2 -32.11 -16.34 -15.44
CA ALA A 2 -31.50 -15.85 -14.18
C ALA A 2 -32.36 -14.73 -13.59
N SER A 3 -32.04 -14.34 -12.34
CA SER A 3 -32.66 -13.23 -11.57
C SER A 3 -32.61 -11.94 -12.41
N GLU A 4 -33.64 -11.09 -12.29
CA GLU A 4 -33.73 -9.78 -13.00
C GLU A 4 -32.55 -8.88 -12.61
N ALA A 5 -32.06 -9.00 -11.37
CA ALA A 5 -30.87 -8.31 -10.82
C ALA A 5 -29.64 -8.48 -11.75
N LEU A 6 -29.52 -9.60 -12.48
CA LEU A 6 -28.37 -9.79 -13.42
C LEU A 6 -28.30 -8.64 -14.45
N THR A 7 -29.44 -8.18 -15.00
CA THR A 7 -29.50 -7.03 -15.94
C THR A 7 -28.88 -5.78 -15.28
N MET A 8 -29.18 -5.50 -14.03
CA MET A 8 -28.62 -4.30 -13.35
C MET A 8 -27.08 -4.34 -13.42
N ILE A 9 -26.53 -5.52 -13.09
CA ILE A 9 -25.07 -5.76 -13.03
C ILE A 9 -24.50 -5.61 -14.45
N VAL A 10 -25.14 -6.25 -15.42
CA VAL A 10 -24.66 -6.24 -16.83
C VAL A 10 -24.60 -4.80 -17.32
N ASN A 11 -25.62 -3.98 -17.04
CA ASN A 11 -25.64 -2.53 -17.40
C ASN A 11 -24.45 -1.82 -16.76
N LEU A 12 -24.22 -1.99 -15.46
CA LEU A 12 -23.02 -1.39 -14.80
C LEU A 12 -21.76 -1.77 -15.61
N LEU A 13 -21.61 -3.05 -15.98
CA LEU A 13 -20.41 -3.56 -16.68
C LEU A 13 -20.31 -2.97 -18.09
N ARG A 14 -21.43 -2.87 -18.82
CA ARG A 14 -21.47 -2.40 -20.23
C ARG A 14 -20.89 -0.97 -20.33
N SER A 15 -20.96 -0.15 -19.27
CA SER A 15 -20.50 1.26 -19.33
C SER A 15 -19.01 1.38 -18.97
N GLN A 16 -18.18 0.65 -19.74
CA GLN A 16 -16.68 0.58 -19.66
C GLN A 16 -16.28 -0.30 -18.47
N GLU A 21 -8.95 1.10 -23.52
CA GLU A 21 -7.47 1.21 -23.61
C GLU A 21 -6.89 1.85 -22.34
N PRO A 22 -7.41 1.59 -21.12
CA PRO A 22 -7.01 2.36 -19.94
C PRO A 22 -5.62 1.88 -19.51
N THR A 23 -4.76 2.76 -19.00
CA THR A 23 -3.46 2.39 -18.42
C THR A 23 -3.65 1.50 -17.18
N VAL A 24 -2.59 0.85 -16.74
CA VAL A 24 -2.58 0.00 -15.52
C VAL A 24 -3.00 0.85 -14.33
N GLU A 25 -2.40 2.03 -14.14
CA GLU A 25 -2.75 2.96 -13.03
C GLU A 25 -4.26 3.29 -13.07
N GLN A 26 -4.83 3.55 -14.25
CA GLN A 26 -6.28 3.85 -14.40
C GLN A 26 -7.12 2.60 -14.04
N MET A 27 -6.70 1.43 -14.50
CA MET A 27 -7.41 0.17 -14.17
C MET A 27 -7.38 -0.03 -12.66
N ARG A 28 -6.22 0.15 -12.02
CA ARG A 28 -6.09 -0.08 -10.56
C ARG A 28 -7.03 0.90 -9.84
N ALA A 29 -6.97 2.18 -10.21
CA ALA A 29 -7.74 3.24 -9.51
C ALA A 29 -9.22 2.99 -9.74
N GLY A 30 -9.59 2.58 -10.95
CA GLY A 30 -10.98 2.28 -11.32
C GLY A 30 -11.56 1.19 -10.44
N LEU A 31 -10.82 0.11 -10.22
CA LEU A 31 -11.27 -1.01 -9.36
C LEU A 31 -11.35 -0.54 -7.91
N GLU A 32 -10.38 0.24 -7.43
CA GLU A 32 -10.39 0.76 -6.04
C GLU A 32 -11.62 1.65 -5.85
N ALA A 33 -11.98 2.44 -6.88
CA ALA A 33 -13.17 3.34 -6.85
C ALA A 33 -14.45 2.50 -6.77
N MET A 34 -14.56 1.44 -7.58
CA MET A 34 -15.74 0.55 -7.62
C MET A 34 -15.92 -0.12 -6.25
N ALA A 35 -14.82 -0.51 -5.60
CA ALA A 35 -14.82 -1.19 -4.27
C ALA A 35 -15.34 -0.26 -3.18
N GLN A 36 -15.16 1.07 -3.29
CA GLN A 36 -15.68 2.05 -2.29
C GLN A 36 -17.21 1.90 -2.14
N MET A 37 -17.90 1.40 -3.17
CA MET A 37 -19.38 1.26 -3.22
C MET A 37 -19.89 0.13 -2.30
N SER A 38 -19.06 -0.87 -2.00
CA SER A 38 -19.36 -1.96 -1.03
C SER A 38 -19.19 -1.44 0.39
N PRO A 39 -20.28 -1.19 1.14
CA PRO A 39 -20.14 -0.80 2.54
C PRO A 39 -19.59 -2.04 3.27
N LEU A 40 -18.48 -1.91 4.00
CA LEU A 40 -17.99 -3.03 4.86
C LEU A 40 -18.86 -3.12 6.12
N PRO A 41 -19.62 -4.21 6.35
CA PRO A 41 -20.47 -4.29 7.52
C PRO A 41 -19.69 -4.01 8.81
N ALA A 42 -20.36 -3.43 9.80
CA ALA A 42 -19.76 -2.97 11.07
C ALA A 42 -19.25 -4.16 11.91
N ASP A 43 -19.76 -5.38 11.71
CA ASP A 43 -19.33 -6.56 12.51
C ASP A 43 -18.05 -7.19 11.92
N VAL A 44 -17.52 -6.64 10.83
CA VAL A 44 -16.29 -7.19 10.18
C VAL A 44 -15.10 -6.59 10.91
N GLU A 45 -14.18 -7.43 11.40
CA GLU A 45 -12.92 -6.97 12.00
C GLU A 45 -11.78 -7.20 11.00
N LEU A 46 -11.09 -6.12 10.62
CA LEU A 46 -9.92 -6.13 9.73
C LEU A 46 -8.64 -5.90 10.54
N THR A 47 -7.65 -6.76 10.39
CA THR A 47 -6.34 -6.53 11.06
C THR A 47 -5.25 -6.63 10.01
N THR A 48 -4.50 -5.57 9.75
CA THR A 48 -3.39 -5.65 8.78
C THR A 48 -2.25 -6.41 9.47
N VAL A 49 -1.49 -7.17 8.70
CA VAL A 49 -0.43 -8.04 9.26
C VAL A 49 0.67 -8.18 8.21
N ASP A 50 1.90 -8.34 8.66
CA ASP A 50 3.01 -8.76 7.79
C ASP A 50 2.97 -10.29 7.74
N ALA A 51 2.45 -10.86 6.65
CA ALA A 51 2.32 -12.33 6.49
C ALA A 51 3.64 -12.87 5.92
N GLY A 52 4.68 -12.86 6.74
CA GLY A 52 6.00 -13.43 6.45
C GLY A 52 6.69 -12.74 5.29
N GLY A 53 6.54 -11.41 5.20
CA GLY A 53 7.14 -10.58 4.13
C GLY A 53 6.14 -10.27 3.01
N VAL A 54 4.86 -10.58 3.20
CA VAL A 54 3.79 -10.22 2.23
C VAL A 54 2.77 -9.44 3.00
N PRO A 55 2.37 -8.22 2.58
CA PRO A 55 1.36 -7.48 3.31
C PRO A 55 0.05 -8.27 3.26
N GLY A 56 -0.66 -8.32 4.37
CA GLY A 56 -1.93 -9.04 4.47
C GLY A 56 -2.92 -8.35 5.39
N ALA A 57 -4.16 -8.85 5.36
CA ALA A 57 -5.20 -8.47 6.33
C ALA A 57 -5.99 -9.71 6.70
N TRP A 58 -6.13 -9.92 7.99
CA TRP A 58 -7.13 -10.82 8.60
C TRP A 58 -8.50 -10.19 8.45
N VAL A 59 -9.47 -10.97 7.99
CA VAL A 59 -10.90 -10.61 7.93
C VAL A 59 -11.60 -11.64 8.81
N ARG A 60 -12.24 -11.16 9.87
CA ARG A 60 -13.00 -12.00 10.83
C ARG A 60 -14.40 -11.39 10.98
N VAL A 61 -15.38 -12.26 11.18
CA VAL A 61 -16.79 -11.88 11.45
C VAL A 61 -17.18 -12.65 12.71
N PRO A 62 -18.33 -12.32 13.37
CA PRO A 62 -18.63 -12.90 14.69
C PRO A 62 -18.56 -14.43 14.75
N GLU A 63 -19.07 -15.15 13.74
CA GLU A 63 -19.10 -16.63 13.80
C GLU A 63 -17.85 -17.23 13.11
N SER A 64 -16.77 -16.47 12.91
CA SER A 64 -15.46 -17.01 12.45
C SER A 64 -14.91 -17.98 13.50
N ASP A 65 -14.83 -19.28 13.21
CA ASP A 65 -13.99 -20.24 13.98
C ASP A 65 -12.56 -19.75 13.78
N PRO A 66 -11.89 -19.31 14.86
CA PRO A 66 -10.58 -18.71 14.75
C PRO A 66 -9.50 -19.69 14.27
N ASP A 67 -9.72 -21.00 14.38
CA ASP A 67 -8.68 -22.01 13.99
C ASP A 67 -8.83 -22.38 12.51
N ARG A 68 -9.88 -21.91 11.82
CA ARG A 68 -10.09 -22.23 10.38
C ARG A 68 -9.76 -20.99 9.55
N VAL A 69 -8.99 -21.19 8.48
CA VAL A 69 -8.35 -20.07 7.74
C VAL A 69 -8.47 -20.36 6.25
N VAL A 70 -8.99 -19.38 5.50
CA VAL A 70 -8.84 -19.33 4.02
C VAL A 70 -7.78 -18.30 3.70
N LEU A 71 -6.74 -18.71 2.99
CA LEU A 71 -5.82 -17.80 2.30
C LEU A 71 -6.50 -17.37 1.01
N TYR A 72 -6.87 -16.10 0.89
CA TYR A 72 -7.66 -15.60 -0.26
C TYR A 72 -6.72 -14.84 -1.20
N LEU A 73 -6.72 -15.23 -2.48
CA LEU A 73 -5.88 -14.66 -3.56
C LEU A 73 -6.77 -13.91 -4.56
N HIS A 74 -6.75 -12.58 -4.51
CA HIS A 74 -7.66 -11.71 -5.30
C HIS A 74 -7.32 -11.83 -6.78
N GLY A 75 -8.34 -11.64 -7.62
CA GLY A 75 -8.23 -11.51 -9.07
C GLY A 75 -7.80 -10.11 -9.48
N GLY A 76 -7.74 -9.88 -10.77
CA GLY A 76 -7.26 -8.64 -11.37
C GLY A 76 -6.18 -8.88 -12.40
N GLY A 77 -6.15 -10.07 -13.01
CA GLY A 77 -5.26 -10.36 -14.15
C GLY A 77 -3.79 -10.40 -13.77
N TYR A 78 -3.46 -10.51 -12.48
CA TYR A 78 -2.07 -10.44 -11.96
C TYR A 78 -1.49 -9.02 -12.06
N VAL A 79 -2.35 -8.04 -12.35
CA VAL A 79 -1.92 -6.64 -12.62
C VAL A 79 -2.63 -5.67 -11.65
N ILE A 80 -3.91 -5.90 -11.34
CA ILE A 80 -4.69 -4.96 -10.49
C ILE A 80 -5.31 -5.72 -9.35
N GLY A 81 -6.01 -4.99 -8.49
CA GLY A 81 -6.65 -5.54 -7.30
C GLY A 81 -5.75 -5.40 -6.11
N SER A 82 -6.33 -5.55 -4.93
CA SER A 82 -5.63 -5.28 -3.66
C SER A 82 -6.40 -5.96 -2.54
N ILE A 83 -5.88 -5.85 -1.32
CA ILE A 83 -6.60 -6.32 -0.10
C ILE A 83 -7.97 -5.61 -0.05
N ARG A 84 -8.02 -4.34 -0.43
CA ARG A 84 -9.24 -3.52 -0.32
C ARG A 84 -10.29 -3.93 -1.35
N THR A 85 -9.92 -4.21 -2.61
CA THR A 85 -10.91 -4.46 -3.69
C THR A 85 -11.70 -5.74 -3.40
N HIS A 86 -11.10 -6.72 -2.75
CA HIS A 86 -11.70 -8.06 -2.52
C HIS A 86 -12.07 -8.30 -1.06
N ARG A 87 -12.11 -7.25 -0.26
CA ARG A 87 -12.42 -7.31 1.18
C ARG A 87 -13.87 -7.74 1.35
N ASP A 88 -14.77 -7.29 0.49
CA ASP A 88 -16.21 -7.64 0.61
C ASP A 88 -16.38 -9.13 0.30
N LEU A 89 -15.78 -9.64 -0.77
CA LEU A 89 -15.86 -11.08 -1.12
C LEU A 89 -15.28 -11.89 0.05
N ALA A 90 -14.17 -11.44 0.63
CA ALA A 90 -13.47 -12.11 1.73
C ALA A 90 -14.37 -12.19 2.97
N GLN A 91 -15.02 -11.10 3.37
CA GLN A 91 -15.90 -11.11 4.57
C GLN A 91 -17.12 -12.01 4.30
N ARG A 92 -17.66 -12.03 3.10
CA ARG A 92 -18.81 -12.93 2.77
C ARG A 92 -18.39 -14.39 2.86
N ILE A 93 -17.18 -14.74 2.43
CA ILE A 93 -16.67 -16.15 2.54
C ILE A 93 -16.44 -16.49 4.02
N ALA A 94 -15.81 -15.57 4.78
CA ALA A 94 -15.58 -15.73 6.23
C ALA A 94 -16.92 -16.07 6.90
N ARG A 95 -18.00 -15.39 6.49
CA ARG A 95 -19.32 -15.52 7.13
C ARG A 95 -19.90 -16.89 6.78
N ALA A 96 -19.86 -17.26 5.51
CA ALA A 96 -20.48 -18.51 5.02
C ALA A 96 -19.68 -19.72 5.51
N ALA A 97 -18.35 -19.64 5.51
CA ALA A 97 -17.46 -20.76 5.88
C ALA A 97 -17.17 -20.73 7.38
N ARG A 98 -17.61 -19.69 8.09
CA ARG A 98 -17.46 -19.55 9.56
C ARG A 98 -15.98 -19.73 9.87
N CYS A 99 -15.13 -18.96 9.18
CA CYS A 99 -13.67 -19.01 9.30
C CYS A 99 -13.07 -17.61 9.27
N ARG A 100 -11.77 -17.50 9.51
CA ARG A 100 -11.00 -16.27 9.26
C ARG A 100 -10.50 -16.32 7.83
N VAL A 101 -10.39 -15.18 7.18
CA VAL A 101 -9.76 -15.07 5.85
C VAL A 101 -8.51 -14.20 5.97
N LEU A 102 -7.41 -14.68 5.42
CA LEU A 102 -6.19 -13.90 5.20
C LEU A 102 -6.17 -13.46 3.74
N LEU A 103 -6.37 -12.17 3.51
CA LEU A 103 -6.16 -11.53 2.19
C LEU A 103 -4.71 -11.11 2.07
N ILE A 104 -4.07 -11.38 0.95
CA ILE A 104 -2.66 -10.92 0.78
C ILE A 104 -2.58 -9.96 -0.40
N ASP A 105 -1.69 -8.98 -0.23
CA ASP A 105 -1.27 -8.05 -1.30
C ASP A 105 -0.06 -8.66 -2.00
N TYR A 106 -0.26 -9.71 -2.77
CA TYR A 106 0.83 -10.31 -3.56
C TYR A 106 1.34 -9.30 -4.60
N ARG A 107 2.63 -9.39 -4.92
CA ARG A 107 3.27 -8.49 -5.90
C ARG A 107 2.55 -8.57 -7.24
N LEU A 108 2.37 -7.42 -7.88
CA LEU A 108 1.61 -7.32 -9.16
C LEU A 108 2.54 -6.98 -10.32
N ALA A 109 2.17 -7.47 -11.50
CA ALA A 109 2.80 -7.11 -12.79
C ALA A 109 2.17 -5.81 -13.26
N PRO A 110 2.78 -5.06 -14.21
CA PRO A 110 4.07 -5.41 -14.82
C PRO A 110 5.32 -5.14 -13.95
N GLU A 111 5.17 -4.44 -12.82
CA GLU A 111 6.30 -4.08 -11.93
C GLU A 111 7.01 -5.34 -11.44
N HIS A 112 6.24 -6.38 -11.03
CA HIS A 112 6.77 -7.64 -10.46
C HIS A 112 6.18 -8.80 -11.24
N PRO A 113 6.84 -9.20 -12.34
CA PRO A 113 6.30 -10.23 -13.20
C PRO A 113 6.34 -11.61 -12.52
N HIS A 114 5.63 -12.57 -13.10
CA HIS A 114 5.74 -14.01 -12.76
C HIS A 114 7.21 -14.35 -12.58
N PRO A 115 7.68 -15.06 -11.54
CA PRO A 115 6.83 -15.72 -10.53
C PRO A 115 6.56 -15.05 -9.18
N ALA A 116 6.61 -13.71 -9.13
CA ALA A 116 6.51 -12.97 -7.86
C ALA A 116 5.21 -13.30 -7.14
N ALA A 117 4.07 -13.35 -7.87
CA ALA A 117 2.76 -13.67 -7.26
C ALA A 117 2.82 -15.02 -6.54
N VAL A 118 3.42 -16.03 -7.17
CA VAL A 118 3.49 -17.42 -6.61
C VAL A 118 4.48 -17.46 -5.43
N GLU A 119 5.58 -16.73 -5.50
CA GLU A 119 6.51 -16.61 -4.36
C GLU A 119 5.76 -16.04 -3.16
N ASP A 120 4.93 -15.02 -3.39
CA ASP A 120 4.19 -14.34 -2.29
C ASP A 120 3.13 -15.25 -1.70
N SER A 121 2.35 -15.91 -2.56
CA SER A 121 1.25 -16.79 -2.09
C SER A 121 1.84 -17.95 -1.29
N THR A 122 2.92 -18.57 -1.78
CA THR A 122 3.54 -19.72 -1.07
C THR A 122 4.14 -19.22 0.24
N ARG A 123 4.80 -18.06 0.24
CA ARG A 123 5.38 -17.46 1.47
C ARG A 123 4.28 -17.22 2.51
N ALA A 124 3.13 -16.67 2.11
CA ALA A 124 2.05 -16.39 3.08
C ALA A 124 1.53 -17.72 3.65
N TYR A 125 1.40 -18.75 2.83
CA TYR A 125 0.91 -20.07 3.29
C TYR A 125 1.90 -20.67 4.31
N ARG A 126 3.19 -20.66 3.98
N ARG A 126 3.19 -20.66 3.98
CA ARG A 126 4.27 -21.12 4.88
CA ARG A 126 4.26 -21.13 4.89
C ARG A 126 4.20 -20.33 6.19
C ARG A 126 4.20 -20.33 6.19
N TRP A 127 3.95 -19.02 6.13
CA TRP A 127 3.84 -18.16 7.34
C TRP A 127 2.64 -18.60 8.20
N LEU A 128 1.51 -18.97 7.60
CA LEU A 128 0.32 -19.44 8.35
C LEU A 128 0.72 -20.70 9.13
N LEU A 129 1.44 -21.62 8.48
CA LEU A 129 1.93 -22.87 9.14
C LEU A 129 2.88 -22.47 10.27
N GLU A 130 3.84 -21.57 10.00
CA GLU A 130 4.86 -21.17 11.00
C GLU A 130 4.16 -20.63 12.23
N THR A 131 3.06 -19.89 12.07
CA THR A 131 2.37 -19.16 13.17
C THR A 131 1.26 -20.03 13.79
N GLY A 132 1.18 -21.31 13.41
CA GLY A 132 0.40 -22.33 14.13
C GLY A 132 -0.87 -22.81 13.41
N SER A 133 -1.17 -22.34 12.20
CA SER A 133 -2.37 -22.81 11.46
C SER A 133 -2.15 -24.28 11.06
N ASP A 134 -3.20 -25.09 11.15
CA ASP A 134 -3.11 -26.52 10.78
C ASP A 134 -3.69 -26.68 9.37
N PRO A 135 -2.96 -27.35 8.45
CA PRO A 135 -3.45 -27.56 7.09
C PRO A 135 -4.87 -28.19 7.00
N LYS A 136 -5.22 -29.04 7.96
CA LYS A 136 -6.53 -29.75 7.95
C LYS A 136 -7.66 -28.74 8.24
N ARG A 137 -7.32 -27.53 8.69
CA ARG A 137 -8.31 -26.45 8.96
C ARG A 137 -8.05 -25.25 8.03
N MET A 138 -7.35 -25.46 6.93
N MET A 138 -7.36 -25.47 6.92
CA MET A 138 -6.93 -24.40 5.99
CA MET A 138 -6.95 -24.41 5.98
C MET A 138 -7.53 -24.69 4.60
C MET A 138 -7.54 -24.70 4.59
N ALA A 139 -7.65 -23.66 3.78
CA ALA A 139 -8.02 -23.75 2.36
C ALA A 139 -7.36 -22.56 1.66
N ILE A 140 -7.16 -22.67 0.35
CA ILE A 140 -6.73 -21.54 -0.49
C ILE A 140 -7.87 -21.32 -1.48
N ALA A 141 -8.23 -20.07 -1.71
CA ALA A 141 -9.33 -19.65 -2.58
C ALA A 141 -8.90 -18.40 -3.35
N GLY A 142 -9.44 -18.23 -4.54
CA GLY A 142 -9.17 -17.04 -5.34
C GLY A 142 -10.06 -16.96 -6.57
N ASP A 143 -10.19 -15.75 -7.10
CA ASP A 143 -11.04 -15.47 -8.27
C ASP A 143 -10.16 -15.10 -9.46
N SER A 144 -10.50 -15.65 -10.62
CA SER A 144 -9.96 -15.28 -11.92
C SER A 144 -8.43 -15.49 -11.87
N ALA A 145 -7.58 -14.47 -12.03
CA ALA A 145 -6.12 -14.63 -11.89
C ALA A 145 -5.80 -15.33 -10.56
N GLY A 146 -6.52 -14.96 -9.49
CA GLY A 146 -6.34 -15.52 -8.15
C GLY A 146 -6.75 -16.99 -8.09
N GLY A 147 -7.68 -17.39 -8.97
CA GLY A 147 -8.07 -18.80 -9.05
C GLY A 147 -6.98 -19.59 -9.71
N GLY A 148 -6.37 -19.05 -10.75
CA GLY A 148 -5.16 -19.68 -11.32
C GLY A 148 -4.01 -19.70 -10.32
N LEU A 149 -3.83 -18.60 -9.58
CA LEU A 149 -2.76 -18.48 -8.56
C LEU A 149 -3.01 -19.52 -7.47
N THR A 150 -4.28 -19.80 -7.13
CA THR A 150 -4.63 -20.85 -6.13
C THR A 150 -4.01 -22.19 -6.59
N VAL A 151 -4.25 -22.58 -7.84
CA VAL A 151 -3.80 -23.90 -8.37
C VAL A 151 -2.27 -23.91 -8.41
N ALA A 152 -1.64 -22.82 -8.88
CA ALA A 152 -0.18 -22.71 -8.97
C ALA A 152 0.44 -22.78 -7.58
N THR A 153 -0.19 -22.16 -6.57
CA THR A 153 0.31 -22.16 -5.17
C THR A 153 0.29 -23.58 -4.62
N LEU A 154 -0.79 -24.33 -4.87
CA LEU A 154 -0.86 -25.74 -4.41
C LEU A 154 0.25 -26.57 -5.06
N VAL A 155 0.49 -26.40 -6.35
CA VAL A 155 1.51 -27.16 -7.13
C VAL A 155 2.88 -26.84 -6.52
N ALA A 156 3.17 -25.56 -6.34
CA ALA A 156 4.47 -25.09 -5.79
C ALA A 156 4.64 -25.62 -4.36
N LEU A 157 3.62 -25.55 -3.50
CA LEU A 157 3.73 -26.07 -2.12
C LEU A 157 4.01 -27.57 -2.15
N ARG A 158 3.25 -28.32 -2.95
CA ARG A 158 3.40 -29.79 -3.05
C ARG A 158 4.85 -30.11 -3.46
N ASP A 159 5.36 -29.45 -4.49
CA ASP A 159 6.70 -29.70 -5.07
C ASP A 159 7.78 -29.44 -4.00
N ALA A 160 7.51 -28.59 -3.03
CA ALA A 160 8.48 -28.18 -1.98
C ALA A 160 8.27 -29.04 -0.73
N GLY A 161 7.37 -30.01 -0.82
CA GLY A 161 7.09 -30.94 0.29
C GLY A 161 6.35 -30.26 1.43
N VAL A 162 5.65 -29.17 1.18
CA VAL A 162 4.82 -28.50 2.22
C VAL A 162 3.48 -29.20 2.30
N PRO A 163 2.94 -29.50 3.50
CA PRO A 163 1.61 -30.06 3.63
C PRO A 163 0.51 -29.16 3.05
N LEU A 164 -0.35 -29.76 2.24
CA LEU A 164 -1.41 -29.07 1.47
C LEU A 164 -2.61 -28.89 2.37
N PRO A 165 -3.42 -27.85 2.09
CA PRO A 165 -4.63 -27.59 2.89
C PRO A 165 -5.72 -28.63 2.62
N ALA A 166 -6.81 -28.54 3.37
CA ALA A 166 -7.95 -29.48 3.35
C ALA A 166 -8.66 -29.37 2.00
N ALA A 167 -8.65 -28.20 1.39
CA ALA A 167 -9.48 -27.95 0.18
C ALA A 167 -9.02 -26.67 -0.49
N ALA A 168 -9.51 -26.42 -1.70
CA ALA A 168 -9.26 -25.18 -2.44
C ALA A 168 -10.47 -24.81 -3.28
N VAL A 169 -10.58 -23.52 -3.55
CA VAL A 169 -11.78 -22.95 -4.24
C VAL A 169 -11.30 -22.00 -5.33
N CYS A 170 -11.73 -22.23 -6.57
CA CYS A 170 -11.44 -21.36 -7.73
C CYS A 170 -12.74 -20.75 -8.23
N LEU A 171 -12.82 -19.43 -8.23
CA LEU A 171 -13.97 -18.70 -8.79
C LEU A 171 -13.60 -18.18 -10.19
N SER A 172 -14.20 -18.73 -11.25
CA SER A 172 -13.92 -18.32 -12.64
C SER A 172 -12.42 -18.27 -12.84
N PRO A 173 -11.66 -19.35 -12.56
CA PRO A 173 -10.21 -19.29 -12.66
C PRO A 173 -9.71 -19.00 -14.08
N TRP A 174 -8.61 -18.24 -14.12
CA TRP A 174 -7.84 -17.99 -15.34
C TRP A 174 -6.58 -18.85 -15.30
N VAL A 175 -6.55 -19.87 -16.13
CA VAL A 175 -5.45 -20.88 -16.20
C VAL A 175 -4.85 -21.02 -17.61
N ASP A 176 -5.43 -20.40 -18.61
CA ASP A 176 -4.93 -20.39 -20.02
C ASP A 176 -4.61 -18.94 -20.41
N LEU A 177 -3.31 -18.57 -20.35
CA LEU A 177 -2.87 -17.18 -20.62
C LEU A 177 -2.85 -16.84 -22.14
N GLU A 178 -3.20 -17.80 -23.00
CA GLU A 178 -3.26 -17.61 -24.48
C GLU A 178 -4.70 -17.34 -24.93
N GLY A 179 -5.70 -17.63 -24.10
CA GLY A 179 -7.12 -17.50 -24.49
C GLY A 179 -7.48 -18.36 -25.71
N ILE A 180 -7.19 -19.65 -25.67
CA ILE A 180 -7.47 -20.56 -26.82
C ILE A 180 -8.62 -21.51 -26.48
N GLY A 181 -9.28 -21.33 -25.34
CA GLY A 181 -10.52 -22.07 -25.03
C GLY A 181 -11.59 -21.76 -26.07
N GLU A 182 -12.42 -22.74 -26.43
CA GLU A 182 -13.52 -22.52 -27.40
C GLU A 182 -14.42 -21.36 -26.94
N SER A 183 -14.73 -21.32 -25.64
CA SER A 183 -15.63 -20.29 -25.04
C SER A 183 -15.06 -18.89 -25.24
N MET A 184 -13.75 -18.74 -25.44
CA MET A 184 -13.14 -17.41 -25.65
C MET A 184 -13.71 -16.83 -26.95
N THR A 185 -14.12 -17.69 -27.90
CA THR A 185 -14.81 -17.28 -29.15
C THR A 185 -16.33 -17.31 -28.95
N THR A 186 -16.87 -18.46 -28.56
CA THR A 186 -18.34 -18.75 -28.57
C THR A 186 -19.08 -18.00 -27.47
N LYS A 187 -18.43 -17.52 -26.41
CA LYS A 187 -19.16 -16.78 -25.33
C LYS A 187 -18.80 -15.31 -25.34
N ALA A 188 -18.01 -14.85 -26.33
CA ALA A 188 -17.51 -13.46 -26.42
C ALA A 188 -18.71 -12.50 -26.46
N ALA A 189 -19.76 -12.89 -27.19
CA ALA A 189 -20.98 -12.10 -27.43
C ALA A 189 -21.73 -11.87 -26.12
N VAL A 190 -21.68 -12.83 -25.17
CA VAL A 190 -22.52 -12.82 -23.94
C VAL A 190 -21.67 -12.49 -22.69
N ASP A 191 -20.37 -12.21 -22.83
CA ASP A 191 -19.50 -11.82 -21.69
C ASP A 191 -19.30 -10.31 -21.68
N PRO A 192 -19.86 -9.60 -20.68
CA PRO A 192 -19.72 -8.15 -20.60
C PRO A 192 -18.46 -7.66 -19.87
N MET A 193 -17.55 -8.54 -19.49
CA MET A 193 -16.39 -8.16 -18.62
C MET A 193 -15.06 -8.64 -19.24
N VAL A 194 -14.96 -9.90 -19.65
CA VAL A 194 -13.68 -10.53 -20.07
C VAL A 194 -13.74 -10.80 -21.57
N GLN A 195 -12.76 -10.26 -22.31
CA GLN A 195 -12.51 -10.58 -23.73
C GLN A 195 -11.05 -10.93 -23.91
N ARG A 196 -10.76 -11.57 -25.03
CA ARG A 196 -9.43 -12.12 -25.34
C ARG A 196 -8.35 -11.05 -25.25
N GLU A 197 -8.60 -9.86 -25.81
CA GLU A 197 -7.58 -8.79 -25.96
C GLU A 197 -7.09 -8.28 -24.59
N PRO A 198 -7.96 -7.83 -23.67
CA PRO A 198 -7.49 -7.39 -22.36
C PRO A 198 -6.81 -8.52 -21.55
N LEU A 199 -7.27 -9.75 -21.72
CA LEU A 199 -6.62 -10.93 -21.10
C LEU A 199 -5.19 -11.06 -21.60
N LEU A 200 -5.00 -11.02 -22.92
CA LEU A 200 -3.65 -11.17 -23.54
C LEU A 200 -2.75 -10.03 -23.07
N ARG A 201 -3.28 -8.83 -22.88
CA ARG A 201 -2.48 -7.66 -22.42
C ARG A 201 -2.01 -7.92 -20.99
N MET A 202 -2.89 -8.45 -20.16
CA MET A 202 -2.49 -8.74 -18.76
C MET A 202 -1.54 -9.92 -18.71
N ALA A 203 -1.75 -10.95 -19.53
CA ALA A 203 -0.84 -12.10 -19.65
C ALA A 203 0.54 -11.59 -20.06
N SER A 204 0.59 -10.65 -21.00
CA SER A 204 1.87 -10.09 -21.50
C SER A 204 2.62 -9.42 -20.34
N MET A 205 1.91 -8.66 -19.51
CA MET A 205 2.53 -7.96 -18.37
C MET A 205 3.00 -8.99 -17.34
N TYR A 206 2.22 -10.03 -17.07
CA TYR A 206 2.58 -11.03 -16.04
C TYR A 206 3.80 -11.84 -16.51
N LEU A 207 3.81 -12.25 -17.77
CA LEU A 207 4.82 -13.20 -18.30
C LEU A 207 6.15 -12.48 -18.57
N ALA A 208 6.14 -11.21 -18.99
CA ALA A 208 7.39 -10.47 -19.30
C ALA A 208 8.25 -11.35 -20.24
N GLY A 209 7.64 -11.87 -21.30
CA GLY A 209 8.33 -12.62 -22.37
C GLY A 209 8.51 -14.09 -22.05
N GLN A 210 8.12 -14.55 -20.85
CA GLN A 210 8.24 -16.00 -20.54
C GLN A 210 7.21 -16.76 -21.37
N ASP A 211 7.46 -18.06 -21.53
CA ASP A 211 6.53 -19.01 -22.21
C ASP A 211 5.14 -18.87 -21.60
N PRO A 212 4.10 -18.59 -22.41
CA PRO A 212 2.73 -18.50 -21.90
C PRO A 212 2.16 -19.82 -21.37
N ARG A 213 2.88 -20.93 -21.56
CA ARG A 213 2.49 -22.26 -21.03
C ARG A 213 3.37 -22.59 -19.84
N THR A 214 4.15 -21.64 -19.33
CA THR A 214 4.89 -21.81 -18.06
C THR A 214 3.89 -22.34 -17.03
N PRO A 215 4.12 -23.55 -16.45
CA PRO A 215 3.15 -24.21 -15.60
C PRO A 215 2.67 -23.42 -14.37
N LEU A 216 3.56 -22.71 -13.67
CA LEU A 216 3.15 -21.95 -12.46
C LEU A 216 2.45 -20.64 -12.86
N ALA A 217 2.54 -20.20 -14.11
CA ALA A 217 1.79 -19.04 -14.66
C ALA A 217 0.43 -19.49 -15.23
N ALA A 218 0.42 -20.66 -15.87
CA ALA A 218 -0.72 -21.21 -16.65
C ALA A 218 -0.92 -22.66 -16.24
N PRO A 219 -1.56 -22.90 -15.08
CA PRO A 219 -1.57 -24.23 -14.49
C PRO A 219 -2.43 -25.28 -15.22
N LEU A 220 -3.04 -24.90 -16.32
CA LEU A 220 -3.55 -25.84 -17.34
C LEU A 220 -2.40 -26.76 -17.80
N TYR A 221 -1.15 -26.33 -17.68
CA TYR A 221 0.04 -27.11 -18.13
C TYR A 221 0.81 -27.63 -16.92
N ALA A 222 0.29 -27.46 -15.71
CA ALA A 222 1.03 -27.90 -14.49
C ALA A 222 0.65 -29.33 -14.18
N ASP A 223 1.48 -30.00 -13.40
CA ASP A 223 1.19 -31.32 -12.83
C ASP A 223 0.29 -31.14 -11.61
N LEU A 224 -0.95 -31.66 -11.64
CA LEU A 224 -1.94 -31.40 -10.57
C LEU A 224 -2.07 -32.61 -9.65
N ARG A 225 -1.23 -33.63 -9.82
CA ARG A 225 -1.36 -34.84 -8.98
C ARG A 225 -1.16 -34.51 -7.50
N GLY A 226 -2.05 -35.03 -6.66
CA GLY A 226 -2.02 -34.92 -5.19
C GLY A 226 -2.62 -33.63 -4.66
N LEU A 227 -3.27 -32.82 -5.49
CA LEU A 227 -3.98 -31.60 -4.98
C LEU A 227 -5.18 -32.03 -4.15
N PRO A 228 -5.59 -31.22 -3.15
CA PRO A 228 -6.73 -31.54 -2.28
C PRO A 228 -8.00 -31.26 -3.05
N PRO A 229 -9.16 -31.62 -2.47
CA PRO A 229 -10.45 -31.39 -3.13
C PRO A 229 -10.62 -29.94 -3.59
N LEU A 230 -11.11 -29.77 -4.82
N LEU A 230 -11.15 -29.77 -4.80
CA LEU A 230 -11.18 -28.49 -5.56
CA LEU A 230 -11.21 -28.50 -5.51
C LEU A 230 -12.66 -28.19 -5.85
C LEU A 230 -12.67 -28.19 -5.84
N LEU A 231 -13.14 -27.01 -5.46
CA LEU A 231 -14.44 -26.49 -5.96
C LEU A 231 -14.09 -25.48 -7.02
N ILE A 232 -14.60 -25.68 -8.23
CA ILE A 232 -14.53 -24.67 -9.31
C ILE A 232 -15.95 -24.14 -9.55
N GLN A 233 -16.17 -22.86 -9.30
CA GLN A 233 -17.43 -22.16 -9.66
C GLN A 233 -17.16 -21.33 -10.89
N VAL A 234 -18.03 -21.43 -11.89
CA VAL A 234 -17.88 -20.67 -13.15
C VAL A 234 -19.29 -20.36 -13.72
N GLY A 235 -19.42 -19.25 -14.44
CA GLY A 235 -20.67 -18.86 -15.10
C GLY A 235 -20.66 -19.34 -16.53
N THR A 236 -21.79 -19.78 -17.07
CA THR A 236 -21.88 -20.22 -18.49
C THR A 236 -21.84 -19.02 -19.44
N ALA A 237 -21.99 -17.79 -18.97
CA ALA A 237 -21.89 -16.56 -19.82
C ALA A 237 -20.49 -15.95 -19.66
N GLU A 238 -19.48 -16.80 -19.76
CA GLU A 238 -18.07 -16.42 -19.52
C GLU A 238 -17.20 -16.89 -20.68
N THR A 239 -16.38 -16.01 -21.20
CA THR A 239 -15.29 -16.43 -22.12
C THR A 239 -14.34 -17.40 -21.40
N LEU A 240 -14.20 -17.29 -20.08
CA LEU A 240 -13.31 -18.18 -19.29
C LEU A 240 -14.01 -19.47 -18.88
N LEU A 241 -15.20 -19.77 -19.39
CA LEU A 241 -15.90 -21.02 -19.06
C LEU A 241 -14.95 -22.20 -19.34
N ASP A 242 -14.30 -22.22 -20.51
CA ASP A 242 -13.51 -23.40 -20.91
C ASP A 242 -12.20 -23.46 -20.13
N ASP A 243 -11.83 -22.40 -19.41
CA ASP A 243 -10.67 -22.46 -18.47
C ASP A 243 -11.06 -23.39 -17.30
N SER A 244 -12.28 -23.25 -16.76
CA SER A 244 -12.79 -24.08 -15.65
C SER A 244 -13.01 -25.50 -16.15
N VAL A 245 -13.59 -25.66 -17.33
CA VAL A 245 -13.86 -27.02 -17.88
C VAL A 245 -12.53 -27.77 -18.08
N ARG A 246 -11.56 -27.12 -18.71
CA ARG A 246 -10.24 -27.76 -18.97
C ARG A 246 -9.50 -28.01 -17.65
N LEU A 247 -9.60 -27.08 -16.69
CA LEU A 247 -8.98 -27.30 -15.36
C LEU A 247 -9.61 -28.54 -14.70
N ALA A 248 -10.94 -28.67 -14.72
CA ALA A 248 -11.64 -29.82 -14.11
C ALA A 248 -11.17 -31.12 -14.81
N GLU A 249 -11.10 -31.11 -16.12
CA GLU A 249 -10.61 -32.29 -16.90
C GLU A 249 -9.20 -32.69 -16.43
N ARG A 250 -8.30 -31.71 -16.37
CA ARG A 250 -6.89 -31.97 -15.99
C ARG A 250 -6.78 -32.50 -14.56
N ALA A 251 -7.43 -31.85 -13.62
CA ALA A 251 -7.37 -32.21 -12.20
C ALA A 251 -7.94 -33.62 -12.04
N ARG A 252 -9.07 -33.92 -12.68
CA ARG A 252 -9.70 -35.27 -12.54
C ARG A 252 -8.77 -36.33 -13.14
N ALA A 253 -8.15 -36.06 -14.28
CA ALA A 253 -7.19 -37.00 -14.91
C ALA A 253 -5.99 -37.19 -14.00
N ALA A 254 -5.68 -36.23 -13.12
CA ALA A 254 -4.58 -36.28 -12.12
C ALA A 254 -5.07 -36.89 -10.81
N GLY A 255 -6.32 -37.36 -10.74
CA GLY A 255 -6.85 -38.02 -9.55
C GLY A 255 -7.34 -37.07 -8.47
N VAL A 256 -7.45 -35.78 -8.77
CA VAL A 256 -7.93 -34.76 -7.79
C VAL A 256 -9.45 -34.91 -7.68
N GLN A 257 -10.01 -34.79 -6.47
N GLN A 257 -10.01 -34.77 -6.48
CA GLN A 257 -11.49 -34.76 -6.28
CA GLN A 257 -11.48 -34.74 -6.28
C GLN A 257 -11.97 -33.35 -6.71
C GLN A 257 -11.96 -33.35 -6.71
N VAL A 258 -12.64 -33.24 -7.84
CA VAL A 258 -13.06 -31.93 -8.40
C VAL A 258 -14.58 -31.83 -8.27
N THR A 259 -15.06 -30.69 -7.81
CA THR A 259 -16.49 -30.32 -8.05
C THR A 259 -16.49 -29.12 -9.00
N LEU A 260 -16.96 -29.32 -10.21
CA LEU A 260 -17.14 -28.25 -11.22
C LEU A 260 -18.61 -27.82 -11.20
N GLU A 261 -18.87 -26.56 -10.86
CA GLU A 261 -20.24 -25.99 -10.75
C GLU A 261 -20.39 -24.88 -11.79
N PRO A 262 -20.97 -25.18 -12.95
CA PRO A 262 -21.27 -24.16 -13.95
C PRO A 262 -22.64 -23.57 -13.59
N TRP A 263 -22.68 -22.29 -13.27
CA TRP A 263 -23.92 -21.56 -12.90
C TRP A 263 -24.51 -20.95 -14.17
N GLU A 264 -25.69 -21.41 -14.55
CA GLU A 264 -26.35 -21.00 -15.81
C GLU A 264 -26.49 -19.47 -15.86
N ASP A 265 -26.01 -18.88 -16.94
CA ASP A 265 -26.13 -17.44 -17.32
C ASP A 265 -25.29 -16.54 -16.42
N MET A 266 -24.53 -17.07 -15.47
CA MET A 266 -23.74 -16.16 -14.58
C MET A 266 -22.56 -15.59 -15.35
N ILE A 267 -22.16 -14.38 -14.96
CA ILE A 267 -21.01 -13.64 -15.55
C ILE A 267 -19.79 -13.85 -14.66
N HIS A 268 -18.65 -13.41 -15.14
CA HIS A 268 -17.32 -13.47 -14.48
C HIS A 268 -17.41 -12.99 -13.04
N VAL A 269 -16.97 -13.83 -12.11
CA VAL A 269 -16.91 -13.57 -10.65
C VAL A 269 -18.21 -12.88 -10.19
N TRP A 270 -19.35 -13.45 -10.56
CA TRP A 270 -20.70 -12.97 -10.18
C TRP A 270 -20.85 -12.93 -8.64
N GLN A 271 -20.05 -13.72 -7.92
CA GLN A 271 -20.03 -13.74 -6.45
C GLN A 271 -19.73 -12.34 -5.90
N ALA A 272 -18.94 -11.54 -6.62
CA ALA A 272 -18.51 -10.19 -6.21
C ALA A 272 -19.73 -9.25 -6.12
N PHE A 273 -20.81 -9.56 -6.83
CA PHE A 273 -22.06 -8.74 -6.90
C PHE A 273 -23.11 -9.26 -5.92
N ALA A 274 -22.73 -10.08 -4.92
CA ALA A 274 -23.63 -10.78 -3.98
C ALA A 274 -24.56 -9.82 -3.23
N ALA A 275 -24.15 -8.57 -3.00
CA ALA A 275 -24.99 -7.57 -2.28
C ALA A 275 -26.30 -7.36 -3.06
N MET A 276 -26.26 -7.35 -4.40
CA MET A 276 -27.44 -7.11 -5.25
C MET A 276 -27.82 -8.35 -6.08
N LEU A 277 -26.92 -9.33 -6.27
CA LEU A 277 -27.22 -10.50 -7.14
C LEU A 277 -27.45 -11.74 -6.28
N PRO A 278 -28.71 -12.21 -6.18
CA PRO A 278 -29.01 -13.41 -5.38
C PRO A 278 -28.12 -14.62 -5.68
N GLU A 279 -27.88 -14.93 -6.95
CA GLU A 279 -27.02 -16.08 -7.35
C GLU A 279 -25.60 -15.88 -6.79
N GLY A 280 -25.17 -14.64 -6.60
CA GLY A 280 -23.88 -14.28 -5.99
C GLY A 280 -23.84 -14.75 -4.56
N GLN A 281 -24.86 -14.42 -3.77
CA GLN A 281 -24.90 -14.86 -2.36
C GLN A 281 -25.11 -16.37 -2.30
N GLN A 282 -25.94 -16.95 -3.16
CA GLN A 282 -26.13 -18.43 -3.18
C GLN A 282 -24.78 -19.12 -3.46
N ALA A 283 -24.01 -18.62 -4.41
CA ALA A 283 -22.70 -19.22 -4.79
C ALA A 283 -21.74 -19.16 -3.59
N ILE A 284 -21.74 -18.05 -2.85
CA ILE A 284 -20.88 -17.88 -1.65
C ILE A 284 -21.33 -18.85 -0.56
N GLU A 285 -22.63 -19.05 -0.36
CA GLU A 285 -23.17 -20.04 0.63
C GLU A 285 -22.65 -21.42 0.26
N ARG A 286 -22.58 -21.74 -1.02
CA ARG A 286 -22.05 -23.04 -1.50
C ARG A 286 -20.56 -23.15 -1.15
N ILE A 287 -19.80 -22.09 -1.36
CA ILE A 287 -18.36 -22.07 -0.99
C ILE A 287 -18.25 -22.41 0.49
N GLY A 288 -19.04 -21.73 1.31
CA GLY A 288 -19.07 -22.02 2.75
C GLY A 288 -19.39 -23.46 3.05
N GLU A 289 -20.39 -24.04 2.39
CA GLU A 289 -20.78 -25.44 2.66
C GLU A 289 -19.64 -26.37 2.25
N PHE A 290 -19.06 -26.15 1.06
CA PHE A 290 -17.94 -26.96 0.53
C PHE A 290 -16.79 -26.96 1.56
N LEU A 291 -16.41 -25.79 2.06
CA LEU A 291 -15.25 -25.66 2.98
C LEU A 291 -15.56 -26.35 4.30
N ARG A 292 -16.75 -26.10 4.88
CA ARG A 292 -17.13 -26.72 6.17
C ARG A 292 -17.20 -28.25 5.99
N GLN A 293 -17.64 -28.75 4.84
CA GLN A 293 -17.65 -30.20 4.54
C GLN A 293 -16.22 -30.75 4.67
N HIS A 294 -15.24 -30.11 4.02
CA HIS A 294 -13.85 -30.61 3.95
C HIS A 294 -13.10 -30.35 5.24
N TRP A 295 -13.63 -29.53 6.14
CA TRP A 295 -13.01 -29.26 7.46
C TRP A 295 -13.54 -30.21 8.55
N GLN A 296 -14.67 -30.89 8.32
CA GLN A 296 -15.32 -31.85 9.25
C GLN A 296 -14.35 -32.96 9.65
N ALA B 2 28.09 15.32 -4.56
CA ALA B 2 29.33 15.01 -5.36
C ALA B 2 30.23 13.98 -4.65
N SER B 3 29.99 13.62 -3.38
CA SER B 3 30.60 12.39 -2.76
C SER B 3 30.27 11.16 -3.62
N GLU B 4 31.16 10.16 -3.67
CA GLU B 4 30.99 8.92 -4.51
C GLU B 4 29.72 8.15 -4.08
N ALA B 5 29.40 8.20 -2.78
CA ALA B 5 28.21 7.56 -2.20
C ALA B 5 26.94 8.04 -2.94
N LEU B 6 26.88 9.31 -3.34
CA LEU B 6 25.67 9.89 -3.98
C LEU B 6 25.34 9.10 -5.25
N THR B 7 26.34 8.87 -6.09
CA THR B 7 26.18 8.15 -7.38
C THR B 7 25.63 6.75 -7.07
N MET B 8 26.20 6.08 -6.09
CA MET B 8 25.80 4.68 -5.82
C MET B 8 24.39 4.71 -5.24
N ILE B 9 24.05 5.68 -4.39
CA ILE B 9 22.67 5.77 -3.81
C ILE B 9 21.69 6.09 -4.97
N VAL B 10 22.03 7.00 -5.87
CA VAL B 10 21.11 7.38 -6.99
C VAL B 10 20.82 6.15 -7.84
N ASN B 11 21.86 5.39 -8.16
CA ASN B 11 21.74 4.12 -8.95
C ASN B 11 20.77 3.20 -8.19
N LEU B 12 21.02 2.96 -6.91
CA LEU B 12 20.20 2.04 -6.11
C LEU B 12 18.73 2.48 -6.17
N LEU B 13 18.46 3.77 -5.96
CA LEU B 13 17.07 4.30 -5.89
C LEU B 13 16.39 4.17 -7.26
N ARG B 14 17.11 4.41 -8.37
CA ARG B 14 16.56 4.29 -9.75
C ARG B 14 16.03 2.87 -9.98
N SER B 15 16.55 1.87 -9.29
CA SER B 15 16.12 0.46 -9.38
C SER B 15 15.00 0.18 -8.37
N GLN B 16 15.00 0.83 -7.20
CA GLN B 16 14.06 0.52 -6.09
C GLN B 16 12.71 1.22 -6.30
N ARG B 17 12.68 2.49 -6.71
CA ARG B 17 11.38 3.14 -7.10
C ARG B 17 10.29 2.92 -6.04
N PRO B 18 10.54 3.36 -4.78
CA PRO B 18 9.60 3.05 -3.67
C PRO B 18 8.18 3.65 -3.82
N LEU B 19 8.05 4.83 -4.45
CA LEU B 19 6.73 5.53 -4.60
C LEU B 19 5.95 4.96 -5.80
N GLN B 20 6.52 4.00 -6.54
CA GLN B 20 5.96 3.42 -7.78
C GLN B 20 5.41 2.00 -7.53
N GLU B 21 5.36 1.51 -6.29
CA GLU B 21 4.80 0.15 -6.01
C GLU B 21 3.32 0.12 -6.37
N PRO B 22 2.79 -1.04 -6.85
CA PRO B 22 1.41 -1.11 -7.33
C PRO B 22 0.32 -0.75 -6.30
N THR B 23 0.52 -1.05 -5.02
CA THR B 23 -0.52 -0.81 -3.98
C THR B 23 0.08 -0.01 -2.82
N VAL B 24 -0.82 0.61 -2.07
CA VAL B 24 -0.47 1.36 -0.83
C VAL B 24 0.31 0.45 0.11
N GLU B 25 -0.19 -0.76 0.38
CA GLU B 25 0.46 -1.71 1.33
C GLU B 25 1.85 -2.07 0.84
N GLN B 26 2.06 -2.23 -0.46
CA GLN B 26 3.39 -2.59 -1.03
C GLN B 26 4.32 -1.36 -0.91
N MET B 27 3.80 -0.16 -1.16
CA MET B 27 4.60 1.09 -0.99
C MET B 27 5.02 1.20 0.48
N ARG B 28 4.11 0.98 1.42
CA ARG B 28 4.43 1.09 2.86
C ARG B 28 5.52 0.06 3.20
N ALA B 29 5.33 -1.19 2.78
CA ALA B 29 6.26 -2.27 3.17
C ALA B 29 7.61 -2.01 2.51
N GLY B 30 7.62 -1.50 1.27
CA GLY B 30 8.87 -1.12 0.56
C GLY B 30 9.73 -0.12 1.36
N LEU B 31 9.09 0.91 1.93
CA LEU B 31 9.82 1.92 2.74
C LEU B 31 10.28 1.29 4.06
N GLU B 32 9.44 0.47 4.69
CA GLU B 32 9.78 -0.21 5.96
C GLU B 32 11.01 -1.11 5.71
N ALA B 33 11.07 -1.76 4.54
CA ALA B 33 12.20 -2.64 4.13
C ALA B 33 13.47 -1.81 3.98
N MET B 34 13.39 -0.66 3.30
CA MET B 34 14.57 0.23 3.06
C MET B 34 15.12 0.69 4.42
N ALA B 35 14.25 0.99 5.39
CA ALA B 35 14.61 1.49 6.73
C ALA B 35 15.35 0.40 7.54
N GLN B 36 15.00 -0.87 7.33
CA GLN B 36 15.61 -2.02 8.05
C GLN B 36 17.11 -2.09 7.73
N MET B 37 17.57 -1.50 6.61
CA MET B 37 18.99 -1.51 6.17
C MET B 37 19.86 -0.64 7.10
N SER B 38 19.31 0.44 7.63
CA SER B 38 20.00 1.32 8.61
C SER B 38 19.70 0.83 10.01
N PRO B 39 20.64 0.15 10.71
CA PRO B 39 20.41 -0.28 12.08
C PRO B 39 20.55 0.90 13.06
N LEU B 40 19.82 0.89 14.17
CA LEU B 40 19.79 1.98 15.17
C LEU B 40 21.02 1.87 16.10
N PRO B 41 21.88 2.90 16.19
CA PRO B 41 22.97 2.86 17.17
C PRO B 41 22.49 2.47 18.57
N ALA B 42 23.36 1.82 19.35
CA ALA B 42 23.04 1.20 20.67
C ALA B 42 22.70 2.29 21.71
N ASP B 43 23.20 3.52 21.55
CA ASP B 43 22.98 4.60 22.56
C ASP B 43 21.65 5.30 22.29
N VAL B 44 20.88 4.89 21.29
CA VAL B 44 19.58 5.57 20.97
C VAL B 44 18.51 4.93 21.84
N GLU B 45 17.75 5.73 22.58
CA GLU B 45 16.59 5.25 23.37
C GLU B 45 15.31 5.65 22.63
N LEU B 46 14.51 4.66 22.23
CA LEU B 46 13.21 4.86 21.58
C LEU B 46 12.14 4.41 22.58
N THR B 47 11.25 5.29 23.02
CA THR B 47 10.17 4.87 23.95
C THR B 47 8.84 5.32 23.36
N THR B 48 7.91 4.40 23.17
CA THR B 48 6.57 4.69 22.61
C THR B 48 5.78 5.45 23.68
N VAL B 49 4.93 6.36 23.26
CA VAL B 49 4.16 7.22 24.18
C VAL B 49 2.84 7.60 23.48
N ASP B 50 1.82 7.84 24.26
CA ASP B 50 0.55 8.41 23.78
C ASP B 50 0.71 9.92 23.85
N ALA B 51 0.95 10.58 22.72
CA ALA B 51 1.12 12.05 22.67
C ALA B 51 -0.26 12.70 22.54
N GLY B 52 -1.04 12.65 23.64
CA GLY B 52 -2.33 13.36 23.75
C GLY B 52 -3.37 12.82 22.79
N GLY B 53 -3.37 11.50 22.56
CA GLY B 53 -4.30 10.80 21.66
C GLY B 53 -3.67 10.53 20.29
N VAL B 54 -2.37 10.75 20.13
CA VAL B 54 -1.65 10.41 18.87
C VAL B 54 -0.51 9.49 19.25
N PRO B 55 -0.39 8.30 18.62
CA PRO B 55 0.72 7.42 18.95
C PRO B 55 2.02 8.13 18.55
N GLY B 56 3.01 8.08 19.44
CA GLY B 56 4.34 8.60 19.13
C GLY B 56 5.43 7.79 19.78
N ALA B 57 6.66 8.26 19.60
CA ALA B 57 7.86 7.73 20.25
C ALA B 57 8.75 8.92 20.59
N TRP B 58 9.25 8.96 21.81
CA TRP B 58 10.46 9.74 22.17
C TRP B 58 11.67 9.10 21.54
N VAL B 59 12.50 9.91 20.88
CA VAL B 59 13.83 9.50 20.35
C VAL B 59 14.87 10.35 21.09
N ARG B 60 15.75 9.69 21.84
CA ARG B 60 16.69 10.34 22.78
C ARG B 60 18.07 9.69 22.60
N VAL B 61 19.10 10.50 22.74
CA VAL B 61 20.52 10.06 22.74
C VAL B 61 21.13 10.62 24.02
N PRO B 62 22.33 10.18 24.44
CA PRO B 62 23.01 10.75 25.60
C PRO B 62 23.11 12.28 25.62
N GLU B 63 23.29 12.92 24.46
CA GLU B 63 23.38 14.39 24.24
C GLU B 63 22.03 15.10 24.42
N SER B 64 20.90 14.38 24.45
CA SER B 64 19.54 14.99 24.44
C SER B 64 19.33 15.83 25.72
N ASP B 65 19.17 17.13 25.56
CA ASP B 65 18.69 18.01 26.65
C ASP B 65 17.18 17.96 26.58
N PRO B 66 16.50 17.41 27.61
CA PRO B 66 15.05 17.26 27.60
C PRO B 66 14.28 18.58 27.57
N ASP B 67 14.91 19.71 27.91
CA ASP B 67 14.23 21.03 27.82
C ASP B 67 13.91 21.38 26.36
N ARG B 68 14.63 20.83 25.40
CA ARG B 68 14.48 21.16 23.96
C ARG B 68 13.81 19.98 23.25
N VAL B 69 12.78 20.30 22.47
CA VAL B 69 11.93 19.27 21.82
C VAL B 69 11.74 19.66 20.35
N VAL B 70 12.00 18.72 19.45
CA VAL B 70 11.51 18.80 18.04
C VAL B 70 10.35 17.83 17.92
N LEU B 71 9.20 18.36 17.51
CA LEU B 71 8.08 17.52 17.01
C LEU B 71 8.43 17.17 15.57
N TYR B 72 8.74 15.90 15.30
CA TYR B 72 9.16 15.48 13.95
C TYR B 72 7.96 14.85 13.21
N LEU B 73 7.68 15.35 12.00
CA LEU B 73 6.58 14.90 11.11
C LEU B 73 7.15 14.21 9.86
N HIS B 74 7.08 12.89 9.81
CA HIS B 74 7.75 12.06 8.79
C HIS B 74 7.10 12.31 7.42
N GLY B 75 7.89 12.13 6.37
CA GLY B 75 7.41 12.16 4.98
C GLY B 75 6.87 10.83 4.53
N GLY B 76 6.52 10.74 3.26
CA GLY B 76 5.84 9.55 2.69
C GLY B 76 4.56 9.91 1.98
N GLY B 77 4.45 11.15 1.50
CA GLY B 77 3.32 11.62 0.68
C GLY B 77 2.00 11.64 1.40
N TYR B 78 1.99 11.62 2.75
CA TYR B 78 0.76 11.55 3.58
C TYR B 78 0.14 10.16 3.50
N VAL B 79 0.84 9.18 2.93
CA VAL B 79 0.29 7.82 2.63
C VAL B 79 1.15 6.74 3.28
N ILE B 80 2.48 6.89 3.29
CA ILE B 80 3.41 5.87 3.82
C ILE B 80 4.34 6.53 4.85
N GLY B 81 5.23 5.74 5.41
CA GLY B 81 6.16 6.16 6.47
C GLY B 81 5.58 5.92 7.84
N SER B 82 6.45 5.96 8.86
CA SER B 82 6.09 5.59 10.25
C SER B 82 7.19 6.06 11.19
N ILE B 83 7.00 5.79 12.47
CA ILE B 83 8.05 5.95 13.52
C ILE B 83 9.28 5.15 13.11
N ARG B 84 9.08 3.94 12.56
CA ARG B 84 10.18 3.03 12.20
C ARG B 84 10.97 3.55 11.01
N THR B 85 10.33 4.07 9.95
CA THR B 85 11.06 4.53 8.74
C THR B 85 11.91 5.74 9.10
N HIS B 86 11.47 6.60 10.02
CA HIS B 86 12.12 7.93 10.26
C HIS B 86 12.85 7.99 11.61
N ARG B 87 13.00 6.87 12.30
CA ARG B 87 13.63 6.89 13.64
C ARG B 87 15.12 7.21 13.48
N ASP B 88 15.75 6.83 12.38
CA ASP B 88 17.19 7.10 12.18
C ASP B 88 17.40 8.61 11.94
N LEU B 89 16.58 9.23 11.09
CA LEU B 89 16.63 10.70 10.87
C LEU B 89 16.37 11.42 12.20
N ALA B 90 15.43 10.94 12.99
CA ALA B 90 15.04 11.54 14.28
C ALA B 90 16.22 11.48 15.24
N GLN B 91 16.90 10.33 15.38
CA GLN B 91 18.03 10.20 16.34
C GLN B 91 19.18 11.10 15.88
N ARG B 92 19.44 11.21 14.58
CA ARG B 92 20.51 12.08 14.04
C ARG B 92 20.22 13.54 14.39
N ILE B 93 18.97 13.98 14.29
CA ILE B 93 18.58 15.37 14.62
C ILE B 93 18.71 15.58 16.13
N ALA B 94 18.17 14.66 16.94
CA ALA B 94 18.32 14.67 18.42
C ALA B 94 19.80 14.88 18.79
N ARG B 95 20.70 14.18 18.11
CA ARG B 95 22.14 14.17 18.43
C ARG B 95 22.72 15.54 18.06
N ALA B 96 22.41 16.04 16.87
CA ALA B 96 23.00 17.29 16.34
C ALA B 96 22.41 18.50 17.07
N ALA B 97 21.13 18.47 17.41
CA ALA B 97 20.43 19.59 18.07
C ALA B 97 20.51 19.44 19.60
N ARG B 98 21.04 18.33 20.10
CA ARG B 98 21.12 18.02 21.56
C ARG B 98 19.76 18.28 22.19
N CYS B 99 18.74 17.62 21.62
CA CYS B 99 17.34 17.74 22.04
C CYS B 99 16.67 16.36 22.08
N ARG B 100 15.47 16.29 22.60
CA ARG B 100 14.67 15.05 22.43
C ARG B 100 13.73 15.28 21.26
N VAL B 101 13.43 14.19 20.56
CA VAL B 101 12.55 14.27 19.35
C VAL B 101 11.30 13.45 19.64
N LEU B 102 10.14 14.06 19.39
CA LEU B 102 8.85 13.33 19.44
C LEU B 102 8.47 13.02 17.99
N LEU B 103 8.53 11.74 17.65
CA LEU B 103 8.19 11.20 16.31
C LEU B 103 6.75 10.68 16.39
N ILE B 104 5.80 11.22 15.62
CA ILE B 104 4.39 10.79 15.77
C ILE B 104 3.96 9.95 14.55
N ASP B 105 3.13 8.94 14.83
CA ASP B 105 2.44 8.10 13.82
C ASP B 105 1.12 8.79 13.50
N TYR B 106 1.18 9.91 12.78
CA TYR B 106 -0.03 10.66 12.40
C TYR B 106 -0.84 9.79 11.43
N ARG B 107 -2.16 9.99 11.44
CA ARG B 107 -3.08 9.19 10.59
C ARG B 107 -2.73 9.39 9.12
N LEU B 108 -2.76 8.31 8.35
CA LEU B 108 -2.33 8.29 6.94
C LEU B 108 -3.53 8.14 6.01
N ALA B 109 -3.44 8.76 4.83
CA ALA B 109 -4.32 8.50 3.68
C ALA B 109 -3.88 7.19 3.02
N PRO B 110 -4.73 6.55 2.19
CA PRO B 110 -6.10 6.99 1.91
C PRO B 110 -7.14 6.71 3.01
N GLU B 111 -6.78 5.92 4.03
CA GLU B 111 -7.70 5.53 5.15
C GLU B 111 -8.20 6.80 5.86
N HIS B 112 -7.30 7.76 6.14
CA HIS B 112 -7.60 9.00 6.89
C HIS B 112 -7.14 10.20 6.06
N PRO B 113 -8.03 10.70 5.18
CA PRO B 113 -7.68 11.81 4.32
C PRO B 113 -7.47 13.11 5.12
N HIS B 114 -6.86 14.10 4.47
CA HIS B 114 -6.78 15.50 4.97
C HIS B 114 -8.14 15.87 5.53
N PRO B 115 -8.30 16.51 6.72
CA PRO B 115 -7.19 17.01 7.53
C PRO B 115 -6.70 16.17 8.74
N ALA B 116 -6.82 14.84 8.70
CA ALA B 116 -6.43 13.97 9.85
C ALA B 116 -4.98 14.24 10.28
N ALA B 117 -4.05 14.31 9.32
CA ALA B 117 -2.61 14.51 9.59
C ALA B 117 -2.43 15.79 10.41
N VAL B 118 -3.11 16.87 10.03
CA VAL B 118 -2.98 18.21 10.69
C VAL B 118 -3.63 18.20 12.08
N GLU B 119 -4.76 17.53 12.24
CA GLU B 119 -5.41 17.34 13.56
C GLU B 119 -4.41 16.65 14.50
N ASP B 120 -3.72 15.61 14.01
CA ASP B 120 -2.77 14.81 14.82
C ASP B 120 -1.54 15.64 15.19
N SER B 121 -0.96 16.34 14.22
CA SER B 121 0.28 17.12 14.45
C SER B 121 -0.04 18.26 15.42
N THR B 122 -1.17 18.95 15.28
CA THR B 122 -1.53 20.05 16.20
C THR B 122 -1.82 19.47 17.59
N ARG B 123 -2.51 18.34 17.69
CA ARG B 123 -2.81 17.68 18.99
C ARG B 123 -1.49 17.30 19.69
N ALA B 124 -0.51 16.75 18.97
CA ALA B 124 0.78 16.36 19.59
C ALA B 124 1.48 17.61 20.14
N TYR B 125 1.42 18.71 19.38
CA TYR B 125 2.09 19.96 19.80
C TYR B 125 1.43 20.52 21.06
N ARG B 126 0.10 20.57 21.07
CA ARG B 126 -0.69 21.02 22.25
C ARG B 126 -0.34 20.13 23.45
N TRP B 127 -0.18 18.82 23.24
CA TRP B 127 0.19 17.87 24.34
C TRP B 127 1.57 18.21 24.90
N LEU B 128 2.53 18.58 24.04
CA LEU B 128 3.89 18.97 24.49
C LEU B 128 3.75 20.19 25.41
N LEU B 129 2.94 21.18 25.03
CA LEU B 129 2.68 22.37 25.87
C LEU B 129 2.04 21.92 27.20
N GLU B 130 1.01 21.07 27.13
CA GLU B 130 0.27 20.63 28.34
C GLU B 130 1.24 19.97 29.32
N THR B 131 2.23 19.23 28.84
CA THR B 131 3.16 18.43 29.67
C THR B 131 4.41 19.25 30.02
N GLY B 132 4.43 20.56 29.70
CA GLY B 132 5.41 21.52 30.24
C GLY B 132 6.47 21.99 29.25
N SER B 133 6.38 21.66 27.94
CA SER B 133 7.39 22.10 26.95
C SER B 133 7.24 23.61 26.75
N ASP B 134 8.33 24.35 26.66
CA ASP B 134 8.30 25.81 26.42
C ASP B 134 8.50 26.07 24.93
N PRO B 135 7.61 26.84 24.27
CA PRO B 135 7.73 27.14 22.84
C PRO B 135 9.10 27.67 22.41
N LYS B 136 9.77 28.41 23.29
CA LYS B 136 11.09 29.05 23.01
C LYS B 136 12.16 27.96 22.91
N ARG B 137 11.87 26.73 23.36
CA ARG B 137 12.83 25.59 23.30
C ARG B 137 12.20 24.46 22.47
N MET B 138 11.27 24.80 21.59
CA MET B 138 10.58 23.82 20.70
C MET B 138 10.85 24.17 19.23
N ALA B 139 10.70 23.17 18.38
CA ALA B 139 10.73 23.34 16.90
C ALA B 139 9.82 22.27 16.31
N ILE B 140 9.28 22.53 15.11
CA ILE B 140 8.60 21.49 14.32
C ILE B 140 9.45 21.29 13.08
N ALA B 141 9.69 20.02 12.74
CA ALA B 141 10.54 19.63 11.61
C ALA B 141 9.88 18.47 10.87
N GLY B 142 10.07 18.41 9.55
CA GLY B 142 9.55 17.28 8.76
C GLY B 142 10.08 17.27 7.35
N ASP B 143 10.00 16.10 6.73
CA ASP B 143 10.57 15.87 5.40
C ASP B 143 9.42 15.61 4.41
N SER B 144 9.52 16.20 3.24
CA SER B 144 8.64 15.95 2.09
C SER B 144 7.20 16.25 2.51
N ALA B 145 6.28 15.29 2.51
CA ALA B 145 4.90 15.54 2.97
C ALA B 145 4.91 16.15 4.36
N GLY B 146 5.82 15.66 5.22
CA GLY B 146 5.98 16.13 6.60
C GLY B 146 6.52 17.54 6.66
N GLY B 147 7.22 17.98 5.61
CA GLY B 147 7.68 19.36 5.48
C GLY B 147 6.51 20.27 5.19
N GLY B 148 5.62 19.84 4.28
CA GLY B 148 4.33 20.53 4.10
C GLY B 148 3.50 20.52 5.38
N LEU B 149 3.43 19.37 6.05
CA LEU B 149 2.64 19.22 7.30
C LEU B 149 3.19 20.17 8.38
N THR B 150 4.51 20.36 8.43
CA THR B 150 5.16 21.29 9.38
C THR B 150 4.56 22.70 9.18
N VAL B 151 4.50 23.18 7.95
CA VAL B 151 4.02 24.56 7.64
C VAL B 151 2.52 24.66 7.94
N ALA B 152 1.73 23.66 7.57
CA ALA B 152 0.27 23.61 7.82
C ALA B 152 0.03 23.61 9.33
N THR B 153 0.84 22.87 10.09
CA THR B 153 0.71 22.78 11.57
C THR B 153 0.91 24.17 12.18
N LEU B 154 1.95 24.89 11.76
CA LEU B 154 2.23 26.24 12.29
C LEU B 154 1.05 27.18 11.97
N VAL B 155 0.50 27.13 10.75
CA VAL B 155 -0.63 27.99 10.31
C VAL B 155 -1.84 27.68 11.20
N ALA B 156 -2.17 26.40 11.34
CA ALA B 156 -3.30 25.92 12.16
C ALA B 156 -3.10 26.33 13.63
N LEU B 157 -1.90 26.16 14.19
CA LEU B 157 -1.63 26.53 15.61
C LEU B 157 -1.87 28.04 15.78
N ARG B 158 -1.30 28.85 14.88
CA ARG B 158 -1.43 30.34 14.95
C ARG B 158 -2.92 30.69 14.92
N ASP B 159 -3.69 30.12 13.99
CA ASP B 159 -5.13 30.41 13.83
C ASP B 159 -5.91 30.06 15.10
N ALA B 160 -5.44 29.10 15.89
CA ALA B 160 -6.11 28.65 17.13
C ALA B 160 -5.56 29.42 18.34
N GLY B 161 -4.67 30.39 18.10
CA GLY B 161 -4.09 31.22 19.16
C GLY B 161 -3.11 30.44 20.01
N VAL B 162 -2.53 29.37 19.51
CA VAL B 162 -1.51 28.58 20.25
C VAL B 162 -0.15 29.21 19.98
N PRO B 163 0.70 29.43 21.01
CA PRO B 163 2.03 29.98 20.78
C PRO B 163 2.90 29.05 19.91
N LEU B 164 3.55 29.66 18.92
CA LEU B 164 4.38 28.96 17.90
C LEU B 164 5.76 28.70 18.47
N PRO B 165 6.44 27.65 17.96
CA PRO B 165 7.77 27.31 18.42
C PRO B 165 8.82 28.33 17.97
N ALA B 166 10.05 28.15 18.44
CA ALA B 166 11.18 29.06 18.19
C ALA B 166 11.56 28.98 16.71
N ALA B 167 11.35 27.84 16.07
CA ALA B 167 11.84 27.67 14.67
C ALA B 167 11.14 26.48 14.06
N ALA B 168 11.28 26.33 12.74
CA ALA B 168 10.78 25.15 12.01
C ALA B 168 11.78 24.77 10.92
N VAL B 169 11.74 23.50 10.54
CA VAL B 169 12.68 22.92 9.56
C VAL B 169 11.85 22.11 8.56
N CYS B 170 12.09 22.35 7.26
CA CYS B 170 11.46 21.65 6.13
C CYS B 170 12.56 21.02 5.31
N LEU B 171 12.55 19.70 5.22
CA LEU B 171 13.53 18.95 4.41
C LEU B 171 12.84 18.53 3.11
N SER B 172 13.23 19.11 1.99
CA SER B 172 12.59 18.82 0.67
C SER B 172 11.06 18.85 0.83
N PRO B 173 10.46 19.94 1.32
CA PRO B 173 9.03 19.98 1.57
C PRO B 173 8.19 19.79 0.29
N TRP B 174 7.06 19.13 0.47
CA TRP B 174 6.02 19.00 -0.58
C TRP B 174 4.85 19.90 -0.19
N VAL B 175 4.69 21.01 -0.91
CA VAL B 175 3.66 22.05 -0.61
C VAL B 175 2.76 22.34 -1.83
N ASP B 176 3.08 21.79 -3.01
CA ASP B 176 2.29 21.93 -4.26
C ASP B 176 1.77 20.55 -4.66
N LEU B 177 0.52 20.27 -4.33
CA LEU B 177 -0.12 18.95 -4.57
C LEU B 177 -0.57 18.81 -6.05
N GLU B 178 -0.32 19.82 -6.90
CA GLU B 178 -0.63 19.75 -8.36
C GLU B 178 0.62 19.43 -9.17
N GLY B 179 1.81 19.53 -8.59
CA GLY B 179 3.07 19.23 -9.30
C GLY B 179 3.31 20.15 -10.50
N ILE B 180 3.15 21.47 -10.33
CA ILE B 180 3.24 22.41 -11.48
C ILE B 180 4.53 23.22 -11.41
N GLY B 181 5.41 22.98 -10.43
CA GLY B 181 6.72 23.63 -10.40
C GLY B 181 7.52 23.29 -11.65
N GLU B 182 8.31 24.24 -12.16
CA GLU B 182 9.12 24.06 -13.40
C GLU B 182 10.04 22.85 -13.21
N SER B 183 10.66 22.72 -12.03
CA SER B 183 11.58 21.60 -11.70
C SER B 183 10.89 20.23 -11.84
N MET B 184 9.56 20.15 -11.73
CA MET B 184 8.82 18.85 -11.88
C MET B 184 9.06 18.32 -13.30
N THR B 185 9.30 19.20 -14.27
CA THR B 185 9.65 18.84 -15.67
C THR B 185 11.17 18.80 -15.83
N THR B 186 11.85 19.88 -15.48
CA THR B 186 13.26 20.16 -15.87
C THR B 186 14.25 19.40 -14.97
N LYS B 187 13.83 18.83 -13.84
CA LYS B 187 14.74 18.02 -12.99
C LYS B 187 14.27 16.56 -12.98
N ALA B 188 13.26 16.20 -13.77
CA ALA B 188 12.72 14.81 -13.84
C ALA B 188 13.84 13.83 -14.20
N ALA B 189 14.74 14.25 -15.11
CA ALA B 189 15.87 13.47 -15.63
C ALA B 189 16.84 13.10 -14.48
N VAL B 190 17.00 13.97 -13.48
CA VAL B 190 18.03 13.81 -12.41
C VAL B 190 17.40 13.39 -11.07
N ASP B 191 16.08 13.16 -10.98
CA ASP B 191 15.40 12.75 -9.71
C ASP B 191 15.09 11.26 -9.73
N PRO B 192 15.80 10.44 -8.91
CA PRO B 192 15.58 8.99 -8.87
C PRO B 192 14.43 8.51 -7.98
N MET B 193 13.70 9.41 -7.31
CA MET B 193 12.74 9.02 -6.24
C MET B 193 11.36 9.64 -6.43
N VAL B 194 11.28 10.92 -6.83
CA VAL B 194 9.99 11.65 -6.94
C VAL B 194 9.78 11.99 -8.42
N GLN B 195 8.66 11.55 -8.99
CA GLN B 195 8.15 12.08 -10.28
C GLN B 195 6.65 12.38 -10.15
N ARG B 196 6.13 13.14 -11.12
CA ARG B 196 4.82 13.80 -11.05
C ARG B 196 3.70 12.79 -10.81
N GLU B 197 3.66 11.67 -11.55
CA GLU B 197 2.46 10.78 -11.55
C GLU B 197 2.28 10.08 -10.19
N PRO B 198 3.32 9.44 -9.60
CA PRO B 198 3.18 8.88 -8.26
C PRO B 198 2.83 9.95 -7.20
N LEU B 199 3.36 11.17 -7.35
CA LEU B 199 3.04 12.30 -6.43
C LEU B 199 1.55 12.61 -6.53
N LEU B 200 1.03 12.76 -7.73
CA LEU B 200 -0.40 13.10 -7.97
C LEU B 200 -1.27 11.99 -7.39
N ARG B 201 -0.83 10.73 -7.44
CA ARG B 201 -1.62 9.59 -6.89
C ARG B 201 -1.72 9.78 -5.37
N MET B 202 -0.61 10.09 -4.73
CA MET B 202 -0.63 10.32 -3.26
C MET B 202 -1.45 11.58 -2.92
N ALA B 203 -1.32 12.67 -3.69
CA ALA B 203 -2.16 13.89 -3.49
C ALA B 203 -3.63 13.52 -3.55
N SER B 204 -4.02 12.68 -4.53
N SER B 204 -4.03 12.69 -4.54
CA SER B 204 -5.43 12.26 -4.71
CA SER B 204 -5.45 12.25 -4.70
C SER B 204 -5.92 11.52 -3.46
C SER B 204 -5.91 11.55 -3.42
N MET B 205 -5.08 10.64 -2.91
CA MET B 205 -5.43 9.85 -1.71
C MET B 205 -5.57 10.77 -0.51
N TYR B 206 -4.67 11.74 -0.36
CA TYR B 206 -4.72 12.68 0.78
C TYR B 206 -5.97 13.57 0.68
N LEU B 207 -6.27 14.10 -0.50
CA LEU B 207 -7.30 15.15 -0.66
C LEU B 207 -8.72 14.51 -0.63
N ALA B 208 -8.89 13.27 -1.12
CA ALA B 208 -10.24 12.66 -1.20
C ALA B 208 -11.21 13.66 -1.84
N GLY B 209 -10.85 14.23 -2.98
CA GLY B 209 -11.73 15.12 -3.77
C GLY B 209 -11.67 16.57 -3.34
N GLN B 210 -10.99 16.91 -2.23
CA GLN B 210 -10.90 18.33 -1.79
C GLN B 210 -10.08 19.13 -2.81
N ASP B 211 -10.29 20.44 -2.86
CA ASP B 211 -9.50 21.38 -3.69
C ASP B 211 -8.01 21.14 -3.41
N PRO B 212 -7.19 20.88 -4.45
CA PRO B 212 -5.74 20.67 -4.28
C PRO B 212 -4.97 21.92 -3.78
N ARG B 213 -5.63 23.08 -3.73
CA ARG B 213 -5.03 24.33 -3.20
C ARG B 213 -5.62 24.59 -1.81
N THR B 214 -6.30 23.62 -1.20
CA THR B 214 -6.76 23.70 0.21
C THR B 214 -5.54 24.10 1.04
N PRO B 215 -5.55 25.28 1.71
CA PRO B 215 -4.36 25.82 2.38
C PRO B 215 -3.66 24.90 3.39
N LEU B 216 -4.40 24.15 4.21
CA LEU B 216 -3.75 23.26 5.22
C LEU B 216 -3.24 21.96 4.57
N ALA B 217 -3.64 21.66 3.34
CA ALA B 217 -3.12 20.52 2.53
C ALA B 217 -1.94 20.97 1.67
N ALA B 218 -2.02 22.19 1.12
CA ALA B 218 -1.06 22.77 0.16
C ALA B 218 -0.68 24.16 0.64
N PRO B 219 0.24 24.24 1.62
CA PRO B 219 0.49 25.50 2.33
C PRO B 219 1.23 26.55 1.51
N LEU B 220 1.56 26.23 0.27
CA LEU B 220 1.89 27.25 -0.75
C LEU B 220 0.76 28.29 -0.82
N TYR B 221 -0.47 27.92 -0.48
CA TYR B 221 -1.65 28.80 -0.59
C TYR B 221 -2.14 29.23 0.78
N ALA B 222 -1.36 28.99 1.83
CA ALA B 222 -1.78 29.33 3.19
C ALA B 222 -1.27 30.73 3.53
N ASP B 223 -1.87 31.33 4.56
CA ASP B 223 -1.41 32.59 5.16
C ASP B 223 -0.25 32.26 6.10
N LEU B 224 0.96 32.66 5.74
CA LEU B 224 2.19 32.29 6.47
C LEU B 224 2.61 33.42 7.41
N ARG B 225 1.84 34.52 7.47
CA ARG B 225 2.28 35.69 8.28
C ARG B 225 2.39 35.25 9.74
N GLY B 226 3.47 35.65 10.42
CA GLY B 226 3.67 35.39 11.86
C GLY B 226 4.44 34.09 12.10
N LEU B 227 4.81 33.34 11.07
CA LEU B 227 5.51 32.04 11.31
C LEU B 227 6.93 32.30 11.79
N PRO B 228 7.53 31.37 12.58
CA PRO B 228 8.86 31.56 13.12
C PRO B 228 9.88 31.29 12.03
N PRO B 229 11.16 31.59 12.31
CA PRO B 229 12.23 31.32 11.35
C PRO B 229 12.20 29.88 10.81
N LEU B 230 12.39 29.77 9.50
CA LEU B 230 12.30 28.48 8.77
C LEU B 230 13.64 28.18 8.14
N LEU B 231 14.10 26.95 8.33
CA LEU B 231 15.20 26.38 7.54
C LEU B 231 14.55 25.49 6.49
N ILE B 232 14.82 25.77 5.22
CA ILE B 232 14.40 24.88 4.13
C ILE B 232 15.66 24.29 3.50
N GLN B 233 15.84 22.99 3.64
CA GLN B 233 16.94 22.29 2.95
C GLN B 233 16.32 21.55 1.77
N VAL B 234 16.94 21.67 0.60
CA VAL B 234 16.44 21.01 -0.63
C VAL B 234 17.66 20.67 -1.51
N GLY B 235 17.55 19.62 -2.31
CA GLY B 235 18.60 19.22 -3.26
C GLY B 235 18.31 19.81 -4.62
N THR B 236 19.33 20.20 -5.37
CA THR B 236 19.14 20.77 -6.74
C THR B 236 18.76 19.66 -7.73
N ALA B 237 18.91 18.37 -7.40
CA ALA B 237 18.53 17.23 -8.26
C ALA B 237 17.17 16.68 -7.80
N GLU B 238 16.23 17.59 -7.59
CA GLU B 238 14.89 17.26 -7.08
C GLU B 238 13.83 17.85 -7.99
N THR B 239 12.83 17.06 -8.34
CA THR B 239 11.61 17.59 -8.98
C THR B 239 10.93 18.56 -8.03
N LEU B 240 11.07 18.37 -6.71
CA LEU B 240 10.43 19.22 -5.68
C LEU B 240 11.31 20.44 -5.35
N LEU B 241 12.40 20.69 -6.09
CA LEU B 241 13.22 21.91 -5.88
C LEU B 241 12.31 23.14 -5.87
N ASP B 242 11.40 23.25 -6.84
CA ASP B 242 10.59 24.49 -7.00
C ASP B 242 9.51 24.57 -5.90
N ASP B 243 9.23 23.49 -5.20
CA ASP B 243 8.36 23.54 -3.99
C ASP B 243 9.06 24.37 -2.90
N SER B 244 10.35 24.13 -2.67
CA SER B 244 11.15 24.87 -1.66
C SER B 244 11.32 26.32 -2.10
N VAL B 245 11.61 26.55 -3.38
CA VAL B 245 11.81 27.92 -3.93
C VAL B 245 10.52 28.74 -3.73
N ARG B 246 9.37 28.19 -4.12
CA ARG B 246 8.08 28.89 -4.03
C ARG B 246 7.70 29.05 -2.54
N LEU B 247 7.97 28.05 -1.69
CA LEU B 247 7.68 28.18 -0.25
C LEU B 247 8.52 29.34 0.33
N ALA B 248 9.82 29.40 0.03
CA ALA B 248 10.71 30.47 0.50
C ALA B 248 10.16 31.83 0.03
N GLU B 249 9.77 31.94 -1.24
CA GLU B 249 9.18 33.19 -1.80
C GLU B 249 7.95 33.60 -0.99
N ARG B 250 7.01 32.68 -0.82
CA ARG B 250 5.74 32.97 -0.11
C ARG B 250 6.00 33.36 1.34
N ALA B 251 6.84 32.61 2.05
CA ALA B 251 7.15 32.88 3.45
C ALA B 251 7.79 34.27 3.56
N ARG B 252 8.73 34.58 2.69
CA ARG B 252 9.41 35.91 2.71
C ARG B 252 8.40 37.02 2.39
N ALA B 253 7.46 36.81 1.47
CA ALA B 253 6.41 37.80 1.14
C ALA B 253 5.51 37.98 2.35
N ALA B 254 5.43 36.97 3.25
CA ALA B 254 4.63 37.01 4.49
C ALA B 254 5.47 37.55 5.65
N GLY B 255 6.74 37.88 5.42
CA GLY B 255 7.61 38.50 6.44
C GLY B 255 8.28 37.45 7.33
N VAL B 256 8.26 36.19 6.93
CA VAL B 256 8.95 35.09 7.68
C VAL B 256 10.44 35.15 7.36
N GLN B 257 11.30 34.98 8.36
CA GLN B 257 12.76 34.84 8.17
C GLN B 257 13.03 33.42 7.61
N VAL B 258 13.47 33.32 6.35
CA VAL B 258 13.71 32.01 5.70
C VAL B 258 15.21 31.85 5.50
N THR B 259 15.74 30.69 5.83
CA THR B 259 17.06 30.25 5.34
C THR B 259 16.83 29.11 4.34
N LEU B 260 17.07 29.38 3.07
CA LEU B 260 16.86 28.44 1.96
C LEU B 260 18.23 27.90 1.56
N GLU B 261 18.42 26.59 1.69
CA GLU B 261 19.70 25.91 1.42
C GLU B 261 19.49 24.90 0.32
N PRO B 262 19.75 25.25 -0.96
CA PRO B 262 19.76 24.28 -2.04
C PRO B 262 21.14 23.61 -2.06
N TRP B 263 21.20 22.32 -1.79
CA TRP B 263 22.46 21.55 -1.72
C TRP B 263 22.74 20.99 -3.11
N GLU B 264 23.83 21.40 -3.73
CA GLU B 264 24.14 21.05 -5.13
C GLU B 264 24.15 19.53 -5.28
N ASP B 265 23.41 19.02 -6.27
CA ASP B 265 23.38 17.60 -6.74
C ASP B 265 22.64 16.72 -5.74
N MET B 266 22.17 17.23 -4.60
CA MET B 266 21.52 16.34 -3.61
C MET B 266 20.14 15.90 -4.13
N ILE B 267 19.73 14.74 -3.65
CA ILE B 267 18.45 14.08 -4.00
C ILE B 267 17.45 14.26 -2.87
N HIS B 268 16.22 13.86 -3.13
CA HIS B 268 15.06 13.96 -2.21
C HIS B 268 15.41 13.39 -0.82
N VAL B 269 15.25 14.22 0.20
CA VAL B 269 15.50 13.89 1.64
C VAL B 269 16.83 13.10 1.76
N TRP B 270 17.89 13.63 1.16
CA TRP B 270 19.26 13.04 1.19
C TRP B 270 19.73 12.88 2.65
N GLN B 271 19.17 13.66 3.57
CA GLN B 271 19.53 13.58 5.02
C GLN B 271 19.23 12.16 5.55
N ALA B 272 18.22 11.49 4.99
CA ALA B 272 17.79 10.13 5.40
C ALA B 272 18.91 9.12 5.16
N PHE B 273 19.83 9.40 4.24
CA PHE B 273 20.94 8.50 3.83
C PHE B 273 22.24 8.83 4.57
N ALA B 274 22.17 9.58 5.68
CA ALA B 274 23.35 10.14 6.39
C ALA B 274 24.33 9.04 6.85
N ALA B 275 23.87 7.81 7.10
CA ALA B 275 24.72 6.67 7.52
C ALA B 275 25.79 6.41 6.45
N MET B 276 25.45 6.56 5.17
CA MET B 276 26.39 6.29 4.04
C MET B 276 26.70 7.57 3.25
N LEU B 277 25.88 8.62 3.33
CA LEU B 277 26.06 9.84 2.50
C LEU B 277 26.63 10.98 3.35
N PRO B 278 27.92 11.35 3.18
CA PRO B 278 28.51 12.46 3.94
C PRO B 278 27.67 13.75 3.93
N GLU B 279 27.17 14.17 2.77
CA GLU B 279 26.34 15.40 2.67
C GLU B 279 25.06 15.26 3.51
N GLY B 280 24.58 14.03 3.69
CA GLY B 280 23.43 13.74 4.57
C GLY B 280 23.74 14.12 5.99
N GLN B 281 24.88 13.64 6.52
CA GLN B 281 25.27 13.97 7.92
C GLN B 281 25.62 15.46 8.01
N GLN B 282 26.32 16.04 7.02
CA GLN B 282 26.62 17.50 7.03
C GLN B 282 25.32 18.31 7.11
N ALA B 283 24.27 17.93 6.35
CA ALA B 283 23.01 18.71 6.31
C ALA B 283 22.35 18.62 7.68
N ILE B 284 22.38 17.47 8.33
CA ILE B 284 21.80 17.27 9.69
C ILE B 284 22.60 18.09 10.72
N GLU B 285 23.93 18.17 10.61
CA GLU B 285 24.75 19.05 11.50
C GLU B 285 24.25 20.49 11.37
N ARG B 286 23.94 20.91 10.16
CA ARG B 286 23.42 22.27 9.88
C ARG B 286 22.05 22.44 10.55
N ILE B 287 21.19 21.43 10.45
CA ILE B 287 19.87 21.46 11.13
C ILE B 287 20.11 21.70 12.63
N GLY B 288 21.00 20.91 13.23
CA GLY B 288 21.38 21.01 14.65
C GLY B 288 21.84 22.44 14.98
N GLU B 289 22.70 23.03 14.17
CA GLU B 289 23.23 24.41 14.42
C GLU B 289 22.07 25.39 14.34
N PHE B 290 21.23 25.28 13.31
CA PHE B 290 20.07 26.20 13.10
C PHE B 290 19.20 26.17 14.37
N LEU B 291 18.86 24.98 14.85
CA LEU B 291 17.94 24.84 16.00
C LEU B 291 18.62 25.40 17.26
N ARG B 292 19.86 25.03 17.54
CA ARG B 292 20.56 25.51 18.75
C ARG B 292 20.71 27.04 18.70
N GLN B 293 20.95 27.62 17.51
CA GLN B 293 20.96 29.09 17.31
C GLN B 293 19.64 29.67 17.82
N HIS B 294 18.50 29.15 17.35
CA HIS B 294 17.16 29.75 17.62
C HIS B 294 16.72 29.43 19.06
N TRP B 295 17.39 28.52 19.76
CA TRP B 295 17.06 28.13 21.15
C TRP B 295 17.93 28.89 22.17
N GLN B 296 18.95 29.63 21.72
CA GLN B 296 19.90 30.46 22.53
C GLN B 296 19.12 31.40 23.47
C FMT C . -9.23 -10.93 -13.48
O1 FMT C . -10.14 -11.20 -14.23
O2 FMT C . -8.43 -11.79 -12.94
C FMT D . -7.50 -12.19 13.52
O1 FMT D . -8.60 -11.95 13.08
O2 FMT D . -6.48 -11.38 13.50
C1 FDS E . -4.51 -3.27 -30.63
O1 FDS E . -4.58 -2.77 -31.90
C2 FDS E . -5.38 -2.76 -29.73
C3 FDS E . -5.34 -3.27 -28.46
O2 FDS E . -6.25 -2.70 -27.62
C4 FDS E . -6.34 -3.10 -26.35
C5 FDS E . -7.29 -2.48 -25.58
C6 FDS E . -7.64 -3.04 -24.39
O3 FDS E . -8.54 -2.55 -23.70
C7 FDS E . -6.97 -4.16 -23.95
C8 FDS E . -5.71 -4.45 -24.48
C9 FDS E . -5.46 -4.15 -25.83
C10 FDS E . -4.50 -4.77 -26.70
C11 FDS E . -4.45 -4.29 -28.06
C12 FDS E . -3.58 -4.79 -29.05
C13 FDS E . -3.61 -4.28 -30.31
C14 FDS E . -3.48 -5.85 -26.35
C15 FDS E . -2.30 -5.47 -25.67
C16 FDS E . -1.31 -6.40 -25.34
C17 FDS E . -1.40 -7.73 -25.72
C18 FDS E . -2.54 -8.14 -26.41
C19 FDS E . -3.57 -7.23 -26.74
C20 FDS E . -4.71 -7.71 -27.50
O4 FDS E . -5.70 -6.94 -27.59
O5 FDS E . -4.73 -8.82 -28.11
C ACT F . -14.95 -6.04 -7.42
O ACT F . -14.62 -5.37 -6.39
OXT ACT F . -14.31 -7.13 -7.70
CH3 ACT F . -16.06 -5.56 -8.27
C1 FDS G . -7.77 2.55 0.08
O1 FDS G . -6.75 1.63 0.22
C2 FDS G . -8.21 2.87 -1.17
C3 FDS G . -9.24 3.78 -1.32
O2 FDS G . -9.62 3.99 -2.60
C4 FDS G . -10.63 4.85 -2.91
C5 FDS G . -10.94 5.04 -4.24
C6 FDS G . -11.79 6.07 -4.62
O3 FDS G . -11.90 6.39 -5.83
C7 FDS G . -12.47 6.77 -3.63
C8 FDS G . -12.35 6.47 -2.26
C9 FDS G . -11.34 5.59 -1.83
C10 FDS G . -10.96 5.35 -0.49
C11 FDS G . -9.87 4.42 -0.24
C12 FDS G . -9.38 4.09 1.04
C13 FDS G . -8.36 3.17 1.20
C14 FDS G . -11.62 6.11 0.66
C15 FDS G . -11.32 7.50 0.74
C16 FDS G . -11.84 8.31 1.73
C17 FDS G . -12.68 7.75 2.68
C18 FDS G . -13.01 6.41 2.65
C19 FDS G . -12.48 5.56 1.65
C20 FDS G . -12.88 4.13 1.67
O4 FDS G . -13.44 3.61 0.65
O5 FDS G . -12.69 3.48 2.74
C1 FDS H . -5.26 3.35 -5.08
O1 FDS H . -4.48 2.29 -4.73
C2 FDS H . -5.85 4.08 -4.07
C3 FDS H . -6.60 5.20 -4.39
O2 FDS H . -7.15 5.93 -3.33
C4 FDS H . -7.91 7.05 -3.54
C5 FDS H . -8.46 7.76 -2.49
C6 FDS H . -9.14 8.96 -2.70
O3 FDS H . -9.68 9.60 -1.78
C7 FDS H . -9.25 9.46 -3.98
C8 FDS H . -8.98 8.63 -5.07
C9 FDS H . -8.18 7.49 -4.91
C10 FDS H . -7.64 6.75 -5.98
C11 FDS H . -6.83 5.57 -5.72
C12 FDS H . -6.23 4.79 -6.71
C13 FDS H . -5.45 3.69 -6.41
C14 FDS H . -7.98 7.18 -7.39
C15 FDS H . -9.22 6.80 -7.94
C16 FDS H . -9.59 7.17 -9.25
C17 FDS H . -8.72 7.92 -10.02
C18 FDS H . -7.49 8.31 -9.49
C19 FDS H . -7.11 7.95 -8.17
C20 FDS H . -5.83 8.31 -7.57
O4 FDS H . -4.96 8.77 -8.35
O5 FDS H . -5.60 8.11 -6.33
C1 FDS I . -14.10 10.85 -1.36
O1 FDS I . -14.35 10.44 -0.07
C2 FDS I . -14.79 11.92 -1.89
C3 FDS I . -14.54 12.30 -3.20
O2 FDS I . -15.25 13.37 -3.71
C4 FDS I . -15.04 13.83 -4.99
C5 FDS I . -15.77 14.91 -5.47
C6 FDS I . -15.47 15.47 -6.71
O3 FDS I . -16.08 16.45 -7.14
C7 FDS I . -14.45 14.90 -7.49
C8 FDS I . -13.89 13.66 -7.16
C9 FDS I . -14.05 13.15 -5.85
C10 FDS I . -13.31 12.06 -5.33
C11 FDS I . -13.56 11.63 -3.99
C12 FDS I . -12.88 10.55 -3.39
C13 FDS I . -13.14 10.17 -2.11
C14 FDS I . -12.32 11.35 -6.21
C15 FDS I . -11.14 12.00 -6.61
C16 FDS I . -10.25 11.37 -7.46
C17 FDS I . -10.52 10.11 -7.94
C18 FDS I . -11.69 9.43 -7.59
C19 FDS I . -12.63 10.04 -6.72
C20 FDS I . -13.90 9.29 -6.36
O4 FDS I . -15.01 9.91 -6.39
O5 FDS I . -13.92 8.05 -6.01
C FMT J . 7.38 11.67 0.31
O1 FMT J . 6.75 12.59 0.83
O2 FMT J . 8.47 11.76 -0.41
#